data_3FE5
#
_entry.id   3FE5
#
_cell.length_a   40.250
_cell.length_b   42.520
_cell.length_c   46.480
_cell.angle_alpha   91.70
_cell.angle_beta   113.30
_cell.angle_gamma   107.70
#
_symmetry.space_group_name_H-M   'P 1'
#
loop_
_entity.id
_entity.type
_entity.pdbx_description
1 polymer '3-hydroxyanthranilate 3,4-dioxygenase'
2 non-polymer 'FE (III) ION'
3 water water
#
_entity_poly.entity_id   1
_entity_poly.type   'polypeptide(L)'
_entity_poly.pdbx_seq_one_letter_code
;ERPVRVKAWVEENRGSFLPPV(CSO)NKLLHQKQLKIMFVGGPNTRKDYHIEEGEEVFYQLEGDMLLRVLERGKHRDVVI
RQGEIFLLPAGVPHSPQRFANTVGLVIERRRLKTELDGLRYYVGDTTDVLFEKWFY(CSO)EDLGTQLAPIIQEFFSSEQ
YRTGKPNPDQLLKEPPFPLSTRSVMEPM(CSO)LEAWLDGHRKELQAGTPLSLFGDTYESQVMVHGQGSSEGLRRDVDVW
LWQLEGSSVVTMEGQRLSLTLDDSLLVPAGTLYGWERGQGSVALSVTQDPACKKSLG
;
_entity_poly.pdbx_strand_id   A
#
# COMPACT_ATOMS: atom_id res chain seq x y z
N GLU A 1 -19.98 6.52 2.79
CA GLU A 1 -21.37 6.51 2.25
C GLU A 1 -22.22 5.31 2.66
N ARG A 2 -21.65 4.19 3.13
CA ARG A 2 -20.41 3.55 2.72
C ARG A 2 -21.08 2.20 2.58
N PRO A 3 -20.64 1.33 1.68
CA PRO A 3 -19.59 1.09 0.71
C PRO A 3 -19.35 2.17 -0.30
N VAL A 4 -18.15 2.13 -0.84
CA VAL A 4 -17.76 2.98 -1.92
C VAL A 4 -17.35 2.08 -3.09
N ARG A 5 -17.88 2.37 -4.27
CA ARG A 5 -17.48 1.60 -5.41
C ARG A 5 -16.17 2.14 -5.95
N VAL A 6 -15.19 1.27 -6.06
CA VAL A 6 -13.84 1.72 -6.30
C VAL A 6 -13.64 2.40 -7.68
N LYS A 7 -14.05 1.76 -8.76
CA LYS A 7 -13.85 2.39 -10.07
C LYS A 7 -14.64 3.67 -10.25
N ALA A 8 -15.86 3.72 -9.67
CA ALA A 8 -16.63 4.95 -9.71
C ALA A 8 -15.93 6.05 -8.88
N TRP A 9 -15.40 5.69 -7.71
CA TRP A 9 -14.65 6.66 -6.92
C TRP A 9 -13.40 7.20 -7.63
N VAL A 10 -12.61 6.32 -8.26
CA VAL A 10 -11.43 6.72 -9.03
C VAL A 10 -11.82 7.59 -10.23
N GLU A 11 -12.81 7.13 -10.99
CA GLU A 11 -13.21 7.80 -12.20
C GLU A 11 -13.71 9.21 -11.90
N GLU A 12 -14.26 9.39 -10.70
CA GLU A 12 -14.74 10.68 -10.24
C GLU A 12 -13.61 11.56 -9.69
N ASN A 13 -12.66 10.94 -9.00
CA ASN A 13 -11.69 11.70 -8.26
C ASN A 13 -10.34 11.85 -8.93
N ARG A 14 -10.19 11.32 -10.14
CA ARG A 14 -8.88 11.39 -10.79
C ARG A 14 -8.50 12.78 -11.23
N GLY A 15 -9.48 13.67 -11.40
CA GLY A 15 -9.21 15.06 -11.70
C GLY A 15 -8.60 15.83 -10.51
N SER A 16 -8.25 15.10 -9.46
CA SER A 16 -7.64 15.74 -8.31
C SER A 16 -6.27 15.16 -7.94
N PHE A 17 -5.68 14.36 -8.84
CA PHE A 17 -4.33 13.89 -8.64
C PHE A 17 -3.48 15.08 -9.04
N LEU A 18 -2.68 15.61 -8.13
CA LEU A 18 -1.89 16.82 -8.41
C LEU A 18 -0.41 16.57 -8.18
N PRO A 19 0.47 17.14 -9.03
CA PRO A 19 1.91 16.89 -8.84
C PRO A 19 2.44 17.64 -7.63
N PRO A 20 3.52 17.12 -7.02
CA PRO A 20 4.38 16.05 -7.55
C PRO A 20 3.98 14.60 -7.21
N VAL A 21 3.12 14.41 -6.21
CA VAL A 21 2.83 13.05 -5.70
C VAL A 21 1.66 12.34 -6.35
N ASN A 23 -1.38 11.76 -5.67
CA ASN A 23 -2.12 10.86 -4.81
C ASN A 23 -3.38 11.51 -4.21
N LYS A 24 -4.38 10.68 -3.91
CA LYS A 24 -5.52 11.10 -3.10
C LYS A 24 -5.98 9.94 -2.21
N LEU A 25 -6.28 10.22 -0.93
CA LEU A 25 -6.60 9.17 0.02
C LEU A 25 -8.07 8.93 -0.01
N LEU A 26 -8.45 7.66 -0.05
CA LEU A 26 -9.80 7.22 0.23
C LEU A 26 -10.05 7.18 1.74
N HIS A 27 -9.11 6.63 2.50
CA HIS A 27 -9.31 6.49 3.94
C HIS A 27 -8.02 6.79 4.66
N GLN A 28 -8.11 7.40 5.84
CA GLN A 28 -6.91 7.80 6.54
C GLN A 28 -6.98 7.74 8.07
N LYS A 29 -7.53 6.65 8.61
CA LYS A 29 -7.52 6.43 10.04
C LYS A 29 -6.37 5.48 10.36
N GLN A 30 -6.62 4.31 10.92
CA GLN A 30 -5.49 3.39 11.16
C GLN A 30 -4.90 2.81 9.85
N LEU A 31 -5.76 2.26 9.00
CA LEU A 31 -5.39 1.91 7.62
C LEU A 31 -5.41 3.11 6.68
N LYS A 32 -4.38 3.24 5.83
CA LYS A 32 -4.35 4.31 4.81
C LYS A 32 -4.54 3.64 3.46
N ILE A 33 -5.58 4.05 2.73
CA ILE A 33 -5.89 3.51 1.42
C ILE A 33 -5.88 4.65 0.41
N MET A 34 -4.96 4.59 -0.53
CA MET A 34 -4.72 5.73 -1.36
C MET A 34 -4.49 5.31 -2.79
N PHE A 35 -4.82 6.20 -3.71
CA PHE A 35 -4.69 5.91 -5.11
C PHE A 35 -3.75 6.97 -5.67
N VAL A 36 -3.01 6.59 -6.71
CA VAL A 36 -2.03 7.46 -7.33
C VAL A 36 -2.11 7.29 -8.85
N GLY A 37 -2.22 8.39 -9.59
CA GLY A 37 -2.19 8.35 -11.06
C GLY A 37 -0.86 8.80 -11.63
N GLY A 38 -0.57 8.48 -12.88
CA GLY A 38 0.58 9.05 -13.59
C GLY A 38 0.17 9.99 -14.74
N PRO A 39 1.16 10.49 -15.51
CA PRO A 39 2.59 10.19 -15.40
C PRO A 39 3.14 10.83 -14.16
N ASN A 40 4.11 10.22 -13.53
CA ASN A 40 4.66 10.83 -12.34
C ASN A 40 5.99 10.22 -12.04
N THR A 41 7.02 11.08 -12.11
CA THR A 41 8.40 10.63 -11.86
C THR A 41 8.87 11.08 -10.46
N ARG A 42 9.31 10.09 -9.70
CA ARG A 42 9.80 10.29 -8.37
C ARG A 42 11.26 9.94 -8.44
N LYS A 43 12.13 10.90 -8.18
CA LYS A 43 13.55 10.63 -8.12
C LYS A 43 14.04 10.21 -6.70
N ASP A 44 13.13 10.28 -5.74
CA ASP A 44 13.42 9.97 -4.38
C ASP A 44 13.10 8.51 -4.02
N TYR A 45 13.80 7.97 -3.03
CA TYR A 45 13.49 6.66 -2.45
C TYR A 45 12.96 6.90 -1.07
N HIS A 46 11.88 6.20 -0.74
CA HIS A 46 11.19 6.34 0.53
C HIS A 46 11.61 5.13 1.36
N ILE A 47 11.69 5.32 2.67
CA ILE A 47 12.03 4.27 3.58
C ILE A 47 11.08 4.41 4.75
N GLU A 48 10.50 3.29 5.20
CA GLU A 48 9.55 3.37 6.29
C GLU A 48 9.57 2.09 7.06
N GLU A 49 8.94 2.11 8.24
CA GLU A 49 8.97 0.95 9.12
C GLU A 49 7.73 0.06 9.01
N GLY A 50 6.73 0.51 8.24
CA GLY A 50 5.55 -0.27 7.94
C GLY A 50 5.75 -0.94 6.58
N GLU A 51 4.77 -1.79 6.20
CA GLU A 51 4.78 -2.47 4.90
C GLU A 51 3.94 -1.70 3.87
N GLU A 52 4.28 -1.80 2.60
CA GLU A 52 3.43 -1.20 1.58
C GLU A 52 2.88 -2.28 0.63
N VAL A 53 1.55 -2.29 0.41
CA VAL A 53 0.94 -3.21 -0.56
C VAL A 53 0.51 -2.48 -1.85
N PHE A 54 0.96 -2.91 -3.03
CA PHE A 54 0.59 -2.25 -4.31
C PHE A 54 -0.32 -3.13 -5.15
N TYR A 55 -1.34 -2.52 -5.73
CA TYR A 55 -2.14 -3.20 -6.71
C TYR A 55 -2.44 -2.29 -7.90
N GLN A 56 -2.02 -2.72 -9.10
CA GLN A 56 -2.25 -1.95 -10.33
C GLN A 56 -3.65 -2.14 -10.94
N LEU A 57 -4.40 -1.05 -10.93
CA LEU A 57 -5.76 -1.04 -11.37
C LEU A 57 -5.82 -0.81 -12.89
N GLU A 58 -4.95 0.05 -13.38
CA GLU A 58 -5.02 0.51 -14.75
C GLU A 58 -3.59 0.78 -15.21
N GLY A 59 -3.08 0.03 -16.18
CA GLY A 59 -1.71 0.23 -16.66
C GLY A 59 -0.62 -0.20 -15.68
N ASP A 60 0.63 -0.15 -16.15
CA ASP A 60 1.77 -0.68 -15.43
C ASP A 60 2.55 0.37 -14.62
N MET A 61 3.48 -0.09 -13.79
CA MET A 61 4.36 0.80 -13.06
C MET A 61 5.71 0.14 -12.88
N LEU A 62 6.69 0.93 -12.47
CA LEU A 62 8.02 0.41 -12.24
C LEU A 62 8.41 0.83 -10.85
N LEU A 63 8.69 -0.13 -9.99
CA LEU A 63 9.14 0.14 -8.62
C LEU A 63 10.64 -0.05 -8.55
N ARG A 64 11.43 0.99 -8.37
CA ARG A 64 12.86 0.75 -8.24
C ARG A 64 13.18 0.47 -6.77
N VAL A 65 13.83 -0.66 -6.47
CA VAL A 65 14.21 -0.95 -5.08
C VAL A 65 15.71 -1.08 -4.84
N LEU A 66 16.12 -0.89 -3.59
CA LEU A 66 17.42 -1.28 -3.09
C LEU A 66 17.29 -2.55 -2.25
N GLU A 67 17.76 -3.67 -2.78
CA GLU A 67 17.64 -4.96 -2.10
C GLU A 67 19.07 -5.43 -1.80
N ARG A 68 19.41 -5.49 -0.51
CA ARG A 68 20.80 -5.64 -0.01
C ARG A 68 21.80 -4.72 -0.66
N GLY A 69 21.56 -3.41 -0.68
CA GLY A 69 22.51 -2.50 -1.36
C GLY A 69 22.59 -2.53 -2.89
N LYS A 70 21.84 -3.41 -3.53
CA LYS A 70 21.79 -3.45 -5.00
C LYS A 70 20.51 -2.90 -5.66
N HIS A 71 20.68 -1.98 -6.61
CA HIS A 71 19.56 -1.49 -7.43
C HIS A 71 18.82 -2.59 -8.18
N ARG A 72 17.50 -2.51 -8.18
CA ARG A 72 16.67 -3.51 -8.83
C ARG A 72 15.37 -2.91 -9.37
N ASP A 73 14.94 -3.36 -10.55
CA ASP A 73 13.73 -2.84 -11.18
C ASP A 73 12.60 -3.84 -11.07
N VAL A 74 11.44 -3.38 -10.64
CA VAL A 74 10.31 -4.29 -10.42
C VAL A 74 9.07 -3.77 -11.15
N VAL A 75 8.83 -4.35 -12.33
CA VAL A 75 7.68 -3.98 -13.10
C VAL A 75 6.48 -4.58 -12.40
N ILE A 76 5.47 -3.76 -12.13
CA ILE A 76 4.17 -4.25 -11.66
C ILE A 76 3.12 -3.91 -12.72
N ARG A 77 2.58 -4.94 -13.37
CA ARG A 77 1.63 -4.70 -14.48
C ARG A 77 0.17 -4.66 -14.03
N GLN A 78 -0.68 -4.09 -14.88
CA GLN A 78 -2.11 -4.05 -14.61
C GLN A 78 -2.61 -5.41 -14.09
N GLY A 79 -3.33 -5.42 -12.97
CA GLY A 79 -3.89 -6.65 -12.43
C GLY A 79 -2.97 -7.38 -11.45
N GLU A 80 -1.75 -6.91 -11.34
CA GLU A 80 -0.80 -7.57 -10.47
C GLU A 80 -0.82 -6.94 -9.08
N ILE A 81 -0.42 -7.72 -8.08
CA ILE A 81 -0.42 -7.23 -6.73
C ILE A 81 0.89 -7.64 -6.07
N PHE A 82 1.37 -6.81 -5.14
CA PHE A 82 2.70 -6.97 -4.61
C PHE A 82 2.86 -6.28 -3.24
N LEU A 83 3.63 -6.94 -2.38
CA LEU A 83 3.80 -6.51 -1.02
C LEU A 83 5.26 -6.11 -0.83
N LEU A 84 5.50 -4.90 -0.30
CA LEU A 84 6.87 -4.44 0.02
C LEU A 84 7.20 -4.51 1.53
N PRO A 85 8.28 -5.22 1.86
CA PRO A 85 8.47 -5.45 3.29
C PRO A 85 9.03 -4.19 3.92
N ALA A 86 9.06 -4.11 5.26
CA ALA A 86 9.50 -2.89 5.96
C ALA A 86 11.00 -2.55 5.81
N GLY A 87 11.30 -1.26 5.69
CA GLY A 87 12.67 -0.83 5.70
C GLY A 87 13.38 -0.97 4.38
N VAL A 88 12.65 -1.19 3.28
CA VAL A 88 13.29 -1.27 1.96
C VAL A 88 13.22 0.04 1.18
N PRO A 89 14.36 0.60 0.76
CA PRO A 89 14.18 1.87 0.05
C PRO A 89 13.53 1.64 -1.32
N HIS A 90 12.52 2.45 -1.69
CA HIS A 90 11.73 2.24 -2.92
C HIS A 90 11.39 3.54 -3.66
N SER A 91 11.34 3.47 -4.99
CA SER A 91 11.10 4.68 -5.80
C SER A 91 10.15 4.43 -6.98
N PRO A 92 8.85 4.75 -6.80
CA PRO A 92 7.81 4.36 -7.76
C PRO A 92 7.67 5.30 -8.93
N GLN A 93 7.91 4.78 -10.12
CA GLN A 93 7.68 5.48 -11.37
C GLN A 93 6.33 5.06 -11.95
N ARG A 94 5.44 6.01 -12.13
CA ARG A 94 4.15 5.76 -12.76
C ARG A 94 4.04 6.51 -14.08
N PHE A 95 3.52 5.79 -15.07
CA PHE A 95 3.47 6.24 -16.46
C PHE A 95 2.14 6.79 -16.85
N ALA A 96 2.12 7.41 -18.03
CA ALA A 96 0.90 8.03 -18.55
C ALA A 96 -0.32 7.06 -18.53
N ASN A 97 -1.42 7.56 -17.97
CA ASN A 97 -2.69 6.90 -18.04
C ASN A 97 -2.76 5.64 -17.16
N THR A 98 -2.27 5.76 -15.92
CA THR A 98 -2.22 4.65 -15.00
C THR A 98 -2.82 5.08 -13.69
N VAL A 99 -3.45 4.12 -13.02
CA VAL A 99 -3.98 4.37 -11.70
C VAL A 99 -3.59 3.17 -10.85
N GLY A 100 -3.13 3.44 -9.63
CA GLY A 100 -2.62 2.39 -8.75
C GLY A 100 -3.22 2.47 -7.36
N LEU A 101 -3.30 1.33 -6.69
CA LEU A 101 -3.77 1.26 -5.31
C LEU A 101 -2.56 1.02 -4.37
N VAL A 102 -2.43 1.82 -3.30
CA VAL A 102 -1.35 1.60 -2.34
C VAL A 102 -2.01 1.56 -0.99
N ILE A 103 -1.66 0.54 -0.19
CA ILE A 103 -2.06 0.57 1.21
C ILE A 103 -0.91 0.54 2.23
N GLU A 104 -1.07 1.30 3.32
CA GLU A 104 -0.07 1.42 4.40
C GLU A 104 -0.85 1.73 5.67
N ARG A 105 -0.15 1.93 6.78
CA ARG A 105 -0.81 2.17 8.05
C ARG A 105 -0.24 3.35 8.77
N ARG A 106 -1.01 3.87 9.74
CA ARG A 106 -0.55 4.89 10.64
C ARG A 106 0.76 4.49 11.35
N ARG A 107 1.73 5.42 11.48
CA ARG A 107 3.04 5.09 12.10
C ARG A 107 3.03 5.26 13.61
N LEU A 108 3.67 4.33 14.35
CA LEU A 108 3.81 4.47 15.79
C LEU A 108 4.59 5.74 16.20
N LYS A 109 4.32 6.19 17.42
CA LYS A 109 4.95 7.39 17.97
C LYS A 109 6.47 7.41 17.79
N THR A 110 7.08 6.23 17.79
CA THR A 110 8.53 6.10 17.65
C THR A 110 9.01 5.68 16.27
N GLU A 111 8.09 5.39 15.33
CA GLU A 111 8.51 5.03 13.96
C GLU A 111 8.93 6.23 13.10
N LEU A 112 9.92 6.03 12.23
CA LEU A 112 10.56 7.14 11.47
C LEU A 112 10.58 6.91 9.95
N ASP A 113 10.06 7.86 9.18
CA ASP A 113 10.12 7.78 7.72
C ASP A 113 11.31 8.57 7.25
N GLY A 114 11.89 8.17 6.11
CA GLY A 114 12.97 8.93 5.50
C GLY A 114 12.87 8.99 3.99
N LEU A 115 13.49 10.02 3.41
CA LEU A 115 13.63 10.21 1.97
C LEU A 115 15.13 10.38 1.58
N ARG A 116 15.58 9.68 0.54
CA ARG A 116 16.95 9.82 0.07
C ARG A 116 17.00 9.98 -1.44
N TYR A 117 17.83 10.92 -1.88
CA TYR A 117 18.28 10.98 -3.26
C TYR A 117 19.73 10.54 -3.32
N TYR A 118 20.04 9.66 -4.27
CA TYR A 118 21.39 9.10 -4.51
C TYR A 118 22.18 9.81 -5.61
N VAL A 119 23.50 9.62 -5.63
CA VAL A 119 24.35 10.23 -6.65
C VAL A 119 24.29 9.24 -7.82
N GLY A 120 23.86 9.74 -8.98
CA GLY A 120 23.75 8.90 -10.18
C GLY A 120 22.97 7.64 -9.86
N ASP A 121 23.31 6.53 -10.51
CA ASP A 121 22.69 5.24 -10.17
C ASP A 121 23.58 4.45 -9.20
N THR A 122 24.35 5.19 -8.42
CA THR A 122 25.18 4.60 -7.38
C THR A 122 24.39 4.52 -6.09
N THR A 123 25.04 3.97 -5.07
CA THR A 123 24.49 3.74 -3.75
C THR A 123 24.94 4.81 -2.75
N ASP A 124 25.59 5.89 -3.24
CA ASP A 124 26.00 7.03 -2.42
C ASP A 124 24.91 8.08 -2.21
N VAL A 125 24.60 8.38 -0.95
CA VAL A 125 23.57 9.39 -0.63
C VAL A 125 24.02 10.79 -1.01
N LEU A 126 23.10 11.50 -1.65
CA LEU A 126 23.28 12.88 -2.10
C LEU A 126 22.57 13.84 -1.14
N PHE A 127 21.45 13.38 -0.58
CA PHE A 127 20.61 14.27 0.18
C PHE A 127 19.62 13.36 0.93
N GLU A 128 19.33 13.66 2.20
CA GLU A 128 18.32 12.88 2.92
C GLU A 128 17.52 13.69 3.91
N LYS A 129 16.33 13.22 4.26
CA LYS A 129 15.50 13.91 5.24
C LYS A 129 14.73 12.84 6.00
N TRP A 130 14.63 13.01 7.31
CA TRP A 130 13.94 12.04 8.15
C TRP A 130 12.91 12.72 9.04
N PHE A 131 11.73 12.12 9.16
CA PHE A 131 10.56 12.82 9.74
C PHE A 131 9.53 11.83 10.23
N TYR A 132 8.66 12.30 11.13
CA TYR A 132 7.46 11.56 11.53
C TYR A 132 6.38 11.76 10.47
N GLU A 134 2.81 11.92 9.46
CA GLU A 134 1.44 12.08 10.01
C GLU A 134 0.33 12.03 8.96
N ASP A 135 0.56 12.71 7.85
CA ASP A 135 -0.45 12.93 6.85
C ASP A 135 0.08 12.58 5.43
N LEU A 136 -0.14 11.34 5.00
CA LEU A 136 0.33 10.87 3.69
C LEU A 136 -0.09 11.76 2.51
N GLY A 137 -1.18 12.50 2.70
CA GLY A 137 -1.69 13.35 1.67
C GLY A 137 -0.95 14.66 1.48
N THR A 138 0.12 14.89 2.23
CA THR A 138 0.53 16.29 2.41
C THR A 138 1.99 16.58 2.75
N GLN A 139 2.74 15.57 3.15
CA GLN A 139 4.05 15.83 3.70
C GLN A 139 5.21 15.60 2.76
N LEU A 140 5.07 14.70 1.79
CA LEU A 140 6.15 14.48 0.83
C LEU A 140 6.47 15.74 0.00
N ALA A 141 5.44 16.49 -0.39
CA ALA A 141 5.59 17.66 -1.28
C ALA A 141 6.62 18.63 -0.78
N PRO A 142 6.37 19.26 0.36
CA PRO A 142 7.38 20.16 0.93
C PRO A 142 8.78 19.53 0.93
N ILE A 143 8.91 18.25 1.27
CA ILE A 143 10.25 17.59 1.19
C ILE A 143 10.89 17.56 -0.23
N ILE A 144 10.07 17.31 -1.25
CA ILE A 144 10.57 17.21 -2.62
C ILE A 144 11.06 18.57 -3.15
N GLN A 145 10.21 19.59 -2.97
CA GLN A 145 10.54 20.98 -3.26
C GLN A 145 11.88 21.40 -2.65
N GLU A 146 12.13 20.95 -1.43
CA GLU A 146 13.36 21.32 -0.76
C GLU A 146 14.56 20.77 -1.52
N PHE A 147 14.45 19.56 -2.05
CA PHE A 147 15.52 18.97 -2.85
C PHE A 147 15.71 19.71 -4.19
N PHE A 148 14.61 20.05 -4.85
CA PHE A 148 14.73 20.72 -6.14
C PHE A 148 15.19 22.17 -6.01
N SER A 149 14.96 22.76 -4.85
CA SER A 149 15.43 24.12 -4.58
C SER A 149 16.68 24.07 -3.73
N SER A 150 17.62 23.18 -4.04
CA SER A 150 18.79 23.00 -3.16
C SER A 150 20.12 22.97 -3.90
N GLU A 151 21.19 23.21 -3.15
CA GLU A 151 22.54 23.20 -3.71
C GLU A 151 22.91 21.81 -4.20
N GLN A 152 22.52 20.77 -3.45
CA GLN A 152 22.87 19.41 -3.84
C GLN A 152 22.30 19.09 -5.21
N TYR A 153 21.10 19.59 -5.49
CA TYR A 153 20.48 19.29 -6.77
C TYR A 153 21.14 20.12 -7.88
N ARG A 154 21.43 21.38 -7.57
CA ARG A 154 22.02 22.26 -8.54
C ARG A 154 23.38 21.70 -8.96
N THR A 155 24.11 21.07 -8.03
CA THR A 155 25.48 20.69 -8.33
C THR A 155 25.70 19.19 -8.47
N GLY A 156 25.07 18.38 -7.62
CA GLY A 156 25.32 16.93 -7.60
C GLY A 156 26.40 16.47 -6.61
N LYS A 157 26.93 17.38 -5.79
CA LYS A 157 27.87 17.05 -4.71
C LYS A 157 27.11 16.94 -3.39
N PRO A 158 27.31 15.81 -2.67
CA PRO A 158 26.73 15.66 -1.34
C PRO A 158 27.44 16.60 -0.38
N ASN A 159 26.71 17.16 0.59
CA ASN A 159 27.36 17.92 1.65
C ASN A 159 27.55 17.08 2.92
N PRO A 160 28.78 16.61 3.17
CA PRO A 160 28.91 15.58 4.19
C PRO A 160 28.32 15.99 5.55
N ASP A 161 28.35 17.28 5.89
CA ASP A 161 27.73 17.79 7.12
C ASP A 161 26.24 17.48 7.31
N GLN A 162 25.53 17.20 6.22
CA GLN A 162 24.10 17.01 6.32
C GLN A 162 23.68 15.56 6.09
N LEU A 163 24.65 14.66 6.03
CA LEU A 163 24.34 13.24 5.95
C LEU A 163 24.31 12.71 7.38
N LEU A 164 23.71 11.54 7.59
CA LEU A 164 23.71 10.90 8.90
C LEU A 164 24.83 9.89 8.85
N LYS A 165 25.36 9.51 10.01
CA LYS A 165 26.45 8.54 10.06
C LYS A 165 25.90 7.15 9.80
N GLU A 166 24.65 6.98 10.20
CA GLU A 166 23.97 5.72 10.03
C GLU A 166 22.51 6.10 9.97
N PRO A 167 21.71 5.29 9.27
CA PRO A 167 20.28 5.50 9.32
C PRO A 167 19.75 5.13 10.71
N PRO A 168 18.63 5.74 11.12
CA PRO A 168 18.01 5.64 12.44
C PRO A 168 17.58 4.24 12.81
N PHE A 169 17.42 3.37 11.83
CA PHE A 169 17.14 1.96 12.07
C PHE A 169 17.79 1.17 10.95
N PRO A 170 18.07 -0.09 11.20
CA PRO A 170 18.84 -0.81 10.20
C PRO A 170 17.95 -1.11 9.01
N LEU A 171 18.43 -0.80 7.81
CA LEU A 171 17.70 -1.15 6.58
C LEU A 171 17.50 -2.66 6.48
N SER A 172 16.39 -3.04 5.87
CA SER A 172 16.05 -4.44 5.67
C SER A 172 17.06 -5.15 4.77
N THR A 173 17.31 -6.41 5.06
CA THR A 173 18.17 -7.20 4.20
C THR A 173 17.43 -8.37 3.60
N ARG A 174 16.11 -8.40 3.69
CA ARG A 174 15.38 -9.50 3.03
C ARG A 174 15.20 -9.29 1.50
N SER A 175 14.94 -10.38 0.79
CA SER A 175 14.70 -10.26 -0.63
C SER A 175 13.23 -9.94 -0.86
N VAL A 176 12.96 -9.45 -2.05
CA VAL A 176 11.68 -8.94 -2.43
C VAL A 176 11.01 -9.99 -3.30
N MET A 177 9.69 -10.10 -3.24
CA MET A 177 8.98 -11.16 -3.94
C MET A 177 8.74 -10.80 -5.38
N GLU A 178 8.19 -11.73 -6.15
CA GLU A 178 7.72 -11.37 -7.48
C GLU A 178 6.26 -10.97 -7.41
N PRO A 179 5.86 -9.98 -8.22
CA PRO A 179 4.43 -9.61 -8.29
C PRO A 179 3.58 -10.79 -8.73
N MET A 180 2.40 -10.92 -8.14
CA MET A 180 1.46 -11.98 -8.54
C MET A 180 0.30 -11.46 -9.42
N LEU A 182 -3.25 -11.32 -10.00
CA LEU A 182 -4.30 -11.64 -8.98
C LEU A 182 -5.31 -12.66 -9.45
N GLU A 183 -5.68 -12.58 -10.70
CA GLU A 183 -6.74 -13.40 -11.19
C GLU A 183 -6.29 -14.75 -11.77
N ALA A 184 -5.05 -14.86 -12.18
CA ALA A 184 -4.45 -16.17 -12.35
C ALA A 184 -4.41 -16.88 -10.97
N TRP A 185 -4.20 -16.10 -9.92
CA TRP A 185 -4.16 -16.67 -8.58
C TRP A 185 -5.53 -17.14 -8.13
N LEU A 186 -6.56 -16.32 -8.35
CA LEU A 186 -7.92 -16.65 -7.95
C LEU A 186 -8.35 -17.96 -8.61
N ASP A 187 -8.19 -18.01 -9.93
CA ASP A 187 -8.61 -19.15 -10.71
C ASP A 187 -7.82 -20.37 -10.25
N GLY A 188 -6.66 -20.09 -9.66
CA GLY A 188 -5.76 -21.17 -9.27
C GLY A 188 -6.18 -21.82 -7.97
N HIS A 189 -7.16 -21.21 -7.28
CA HIS A 189 -7.51 -21.52 -5.89
C HIS A 189 -9.01 -21.45 -5.73
N ARG A 190 -9.71 -21.40 -6.86
CA ARG A 190 -11.16 -21.27 -6.81
C ARG A 190 -11.87 -22.44 -6.10
N LYS A 191 -11.32 -23.63 -6.22
CA LYS A 191 -11.89 -24.82 -5.59
C LYS A 191 -11.88 -24.63 -4.07
N GLU A 192 -10.81 -24.06 -3.55
CA GLU A 192 -10.65 -23.88 -2.11
C GLU A 192 -11.56 -22.79 -1.60
N LEU A 193 -11.75 -21.75 -2.40
CA LEU A 193 -12.65 -20.65 -2.03
C LEU A 193 -14.13 -21.07 -2.04
N GLN A 194 -14.52 -21.92 -3.00
CA GLN A 194 -15.86 -22.51 -3.00
C GLN A 194 -16.07 -23.28 -1.71
N ALA A 195 -15.05 -24.01 -1.29
CA ALA A 195 -15.15 -24.78 -0.04
C ALA A 195 -15.44 -23.96 1.21
N GLY A 196 -15.04 -22.70 1.27
CA GLY A 196 -15.36 -21.89 2.43
C GLY A 196 -14.16 -21.55 3.32
N THR A 197 -13.00 -22.10 2.99
CA THR A 197 -11.81 -21.77 3.79
C THR A 197 -11.11 -20.47 3.32
N PRO A 198 -11.00 -19.48 4.20
CA PRO A 198 -10.32 -18.26 3.73
C PRO A 198 -8.82 -18.54 3.51
N LEU A 199 -8.14 -17.70 2.73
CA LEU A 199 -6.75 -17.94 2.37
C LEU A 199 -5.82 -16.69 2.51
N SER A 200 -4.63 -16.85 3.08
CA SER A 200 -3.64 -15.79 3.06
C SER A 200 -2.96 -15.65 1.68
N LEU A 201 -2.99 -14.45 1.16
CA LEU A 201 -2.36 -14.18 -0.09
C LEU A 201 -0.82 -14.24 0.07
N PHE A 202 -0.28 -13.65 1.13
CA PHE A 202 1.19 -13.56 1.25
C PHE A 202 1.83 -14.39 2.35
N GLY A 203 1.03 -15.00 3.22
CA GLY A 203 1.59 -15.87 4.26
C GLY A 203 1.99 -15.09 5.49
N ASP A 204 2.44 -15.78 6.56
CA ASP A 204 2.63 -15.07 7.84
C ASP A 204 4.04 -14.65 8.29
N THR A 205 4.96 -14.42 7.34
CA THR A 205 6.24 -13.81 7.67
C THR A 205 6.21 -12.27 7.51
N TYR A 206 5.02 -11.73 7.23
CA TYR A 206 4.77 -10.31 7.11
C TYR A 206 3.83 -9.84 8.19
N GLU A 207 3.78 -8.52 8.34
CA GLU A 207 2.86 -7.82 9.20
C GLU A 207 1.46 -7.79 8.60
N SER A 208 1.38 -7.41 7.32
CA SER A 208 0.14 -7.31 6.59
C SER A 208 -0.51 -8.68 6.42
N GLN A 209 -1.84 -8.72 6.45
CA GLN A 209 -2.61 -9.91 6.09
C GLN A 209 -3.58 -9.58 4.96
N VAL A 210 -3.37 -10.14 3.76
CA VAL A 210 -4.37 -9.99 2.69
C VAL A 210 -5.06 -11.34 2.54
N MET A 211 -6.25 -11.55 3.05
CA MET A 211 -7.01 -12.77 3.13
C MET A 211 -8.05 -12.82 1.96
N VAL A 212 -8.22 -13.71 1.31
CA VAL A 212 -9.29 -13.85 0.31
C VAL A 212 -10.42 -14.72 0.87
N HIS A 213 -11.67 -14.32 0.66
CA HIS A 213 -12.81 -15.06 1.21
C HIS A 213 -13.81 -15.37 0.13
N GLY A 214 -14.23 -16.63 0.04
CA GLY A 214 -15.33 -17.04 -0.83
C GLY A 214 -16.61 -17.24 -0.03
N GLN A 215 -17.53 -18.01 -0.61
CA GLN A 215 -18.82 -18.30 -0.04
C GLN A 215 -18.79 -18.67 1.43
N GLY A 216 -19.74 -18.17 2.20
CA GLY A 216 -19.90 -18.57 3.59
C GLY A 216 -20.04 -17.40 4.53
N SER A 217 -20.05 -17.69 5.82
CA SER A 217 -20.16 -16.61 6.78
C SER A 217 -19.16 -16.73 7.91
N SER A 218 -19.11 -15.71 8.77
CA SER A 218 -18.21 -15.72 9.91
C SER A 218 -18.80 -14.89 11.04
N GLU A 219 -18.44 -15.28 12.26
CA GLU A 219 -19.13 -14.81 13.48
C GLU A 219 -18.70 -13.42 13.89
N GLY A 220 -19.46 -12.80 14.78
CA GLY A 220 -19.08 -11.53 15.41
C GLY A 220 -17.57 -11.34 15.64
N LEU A 221 -17.03 -10.28 15.06
CA LEU A 221 -15.60 -10.11 15.12
C LEU A 221 -15.28 -8.67 15.52
N ARG A 222 -14.32 -8.51 16.44
CA ARG A 222 -13.90 -7.19 16.89
C ARG A 222 -12.38 -7.14 16.81
N ARG A 223 -11.83 -6.24 16.01
CA ARG A 223 -10.39 -6.17 15.92
C ARG A 223 -9.85 -4.88 16.52
N ASP A 224 -8.56 -4.89 16.83
CA ASP A 224 -7.92 -3.71 17.41
C ASP A 224 -7.45 -2.71 16.37
N VAL A 225 -7.55 -3.12 15.11
CA VAL A 225 -7.10 -2.31 14.00
C VAL A 225 -8.22 -2.11 12.95
N ASP A 226 -8.03 -1.17 12.02
CA ASP A 226 -8.97 -1.04 10.90
C ASP A 226 -8.94 -2.27 10.01
N VAL A 227 -10.05 -2.52 9.30
CA VAL A 227 -10.12 -3.57 8.27
C VAL A 227 -10.77 -3.04 6.99
N TRP A 228 -10.21 -3.40 5.84
CA TRP A 228 -10.80 -2.98 4.58
C TRP A 228 -11.28 -4.19 3.80
N LEU A 229 -12.52 -4.14 3.35
CA LEU A 229 -13.04 -5.21 2.53
C LEU A 229 -13.32 -4.71 1.09
N TRP A 230 -13.04 -5.56 0.11
CA TRP A 230 -13.25 -5.22 -1.27
C TRP A 230 -13.92 -6.37 -1.99
N GLN A 231 -15.14 -6.16 -2.50
CA GLN A 231 -15.90 -7.22 -3.18
C GLN A 231 -15.47 -7.33 -4.65
N LEU A 232 -14.81 -8.43 -4.99
CA LEU A 232 -14.31 -8.64 -6.35
C LEU A 232 -15.30 -9.39 -7.24
N GLU A 233 -15.97 -10.39 -6.67
CA GLU A 233 -17.01 -11.11 -7.38
C GLU A 233 -18.24 -11.28 -6.47
N GLY A 234 -19.39 -11.43 -7.10
CA GLY A 234 -20.61 -11.77 -6.38
C GLY A 234 -20.98 -10.69 -5.39
N SER A 235 -21.45 -11.08 -4.22
CA SER A 235 -21.91 -10.10 -3.29
C SER A 235 -21.92 -10.65 -1.88
N SER A 236 -22.26 -9.82 -0.92
CA SER A 236 -22.16 -10.18 0.49
C SER A 236 -22.88 -9.15 1.36
N VAL A 237 -23.08 -9.49 2.63
CA VAL A 237 -23.75 -8.60 3.58
C VAL A 237 -22.88 -8.45 4.83
N VAL A 238 -22.62 -7.21 5.20
CA VAL A 238 -21.88 -6.95 6.42
C VAL A 238 -22.86 -6.45 7.49
N THR A 239 -22.70 -6.95 8.71
CA THR A 239 -23.57 -6.48 9.77
C THR A 239 -22.75 -5.87 10.88
N MET A 240 -22.94 -4.57 11.12
CA MET A 240 -22.30 -3.91 12.25
C MET A 240 -23.31 -2.99 12.86
N GLU A 241 -23.56 -3.17 14.17
CA GLU A 241 -24.51 -2.34 14.92
C GLU A 241 -25.90 -2.27 14.32
N GLY A 242 -26.59 -3.40 14.34
CA GLY A 242 -27.97 -3.50 13.84
C GLY A 242 -28.16 -2.83 12.51
N GLN A 243 -27.27 -3.13 11.57
CA GLN A 243 -27.20 -2.39 10.34
C GLN A 243 -26.60 -3.25 9.24
N ARG A 244 -27.45 -3.74 8.33
CA ARG A 244 -26.98 -4.48 7.17
C ARG A 244 -26.53 -3.54 6.08
N LEU A 245 -25.35 -3.78 5.57
CA LEU A 245 -24.83 -3.05 4.43
C LEU A 245 -24.41 -4.13 3.46
N SER A 246 -25.00 -4.15 2.29
CA SER A 246 -24.68 -5.19 1.36
C SER A 246 -23.63 -4.69 0.35
N LEU A 247 -22.77 -5.59 -0.11
CA LEU A 247 -21.77 -5.17 -1.06
C LEU A 247 -21.97 -5.93 -2.35
N THR A 248 -21.95 -5.20 -3.46
CA THR A 248 -21.94 -5.87 -4.75
C THR A 248 -20.61 -5.64 -5.43
N LEU A 249 -20.48 -6.26 -6.58
CA LEU A 249 -19.31 -6.20 -7.41
C LEU A 249 -18.55 -4.87 -7.31
N ASP A 250 -17.27 -4.96 -6.94
CA ASP A 250 -16.39 -3.78 -6.85
C ASP A 250 -16.72 -2.79 -5.72
N ASP A 251 -17.70 -3.11 -4.87
CA ASP A 251 -17.92 -2.34 -3.66
C ASP A 251 -16.82 -2.54 -2.62
N SER A 252 -16.60 -1.55 -1.76
CA SER A 252 -15.68 -1.77 -0.65
C SER A 252 -16.10 -1.04 0.62
N LEU A 253 -15.48 -1.42 1.74
CA LEU A 253 -15.89 -0.90 3.04
C LEU A 253 -14.78 -1.02 4.10
N LEU A 254 -14.52 0.06 4.79
CA LEU A 254 -13.61 0.02 5.90
C LEU A 254 -14.36 -0.18 7.20
N VAL A 255 -14.13 -1.32 7.87
CA VAL A 255 -14.64 -1.45 9.22
C VAL A 255 -13.61 -0.86 10.19
N PRO A 256 -13.98 0.22 10.92
CA PRO A 256 -13.12 0.88 11.91
C PRO A 256 -12.84 0.05 13.15
N ALA A 257 -11.57 0.00 13.55
CA ALA A 257 -11.14 -0.63 14.80
C ALA A 257 -12.17 -0.53 15.97
N GLY A 258 -12.50 -1.66 16.56
CA GLY A 258 -13.33 -1.63 17.73
C GLY A 258 -14.74 -2.04 17.50
N THR A 259 -15.03 -2.29 16.25
CA THR A 259 -16.36 -2.28 15.75
C THR A 259 -16.67 -3.70 15.49
N LEU A 260 -17.83 -4.14 15.95
CA LEU A 260 -18.20 -5.53 15.95
C LEU A 260 -19.07 -5.89 14.75
N TYR A 261 -18.69 -6.88 13.99
CA TYR A 261 -19.18 -7.12 12.65
C TYR A 261 -19.38 -8.61 12.26
N GLY A 262 -20.45 -8.91 11.55
CA GLY A 262 -20.65 -10.23 10.94
C GLY A 262 -20.67 -10.06 9.41
N TRP A 263 -20.35 -11.13 8.71
CA TRP A 263 -20.19 -11.05 7.28
C TRP A 263 -20.73 -12.33 6.70
N GLU A 264 -21.68 -12.18 5.79
CA GLU A 264 -22.32 -13.33 5.12
C GLU A 264 -22.01 -13.23 3.61
N ARG A 265 -21.38 -14.25 3.05
CA ARG A 265 -20.97 -14.20 1.64
C ARG A 265 -21.68 -15.21 0.72
N GLY A 266 -22.37 -14.69 -0.29
CA GLY A 266 -23.26 -15.50 -1.07
C GLY A 266 -22.56 -16.35 -2.10
N GLN A 267 -23.35 -17.11 -2.85
CA GLN A 267 -22.80 -18.09 -3.79
C GLN A 267 -21.80 -17.49 -4.76
N GLY A 268 -20.68 -18.18 -4.94
CA GLY A 268 -19.67 -17.71 -5.87
C GLY A 268 -19.16 -16.29 -5.61
N SER A 269 -19.23 -15.80 -4.38
CA SER A 269 -18.62 -14.49 -4.12
C SER A 269 -17.10 -14.59 -3.87
N VAL A 270 -16.41 -13.47 -4.04
CA VAL A 270 -14.97 -13.40 -3.77
C VAL A 270 -14.67 -12.00 -3.25
N ALA A 271 -14.20 -11.95 -2.00
CA ALA A 271 -13.89 -10.69 -1.39
C ALA A 271 -12.48 -10.72 -0.87
N LEU A 272 -11.88 -9.56 -0.91
CA LEU A 272 -10.56 -9.33 -0.38
C LEU A 272 -10.72 -8.67 0.99
N SER A 273 -9.86 -9.06 1.93
CA SER A 273 -9.87 -8.57 3.30
C SER A 273 -8.43 -8.07 3.65
N VAL A 274 -8.22 -6.80 3.93
CA VAL A 274 -6.86 -6.35 4.25
C VAL A 274 -6.68 -5.78 5.68
N THR A 275 -5.60 -6.22 6.34
CA THR A 275 -5.24 -5.79 7.70
C THR A 275 -3.72 -5.52 7.87
N GLN A 276 -3.33 -4.39 8.45
CA GLN A 276 -1.91 -4.14 8.81
C GLN A 276 -1.81 -3.82 10.30
N ASP A 277 -1.60 -4.84 11.12
CA ASP A 277 -1.56 -4.73 12.60
C ASP A 277 -0.08 -4.70 13.11
N PRO A 278 0.36 -3.57 13.70
CA PRO A 278 1.78 -3.30 13.99
C PRO A 278 2.29 -4.06 15.21
N ALA A 279 1.36 -4.67 15.96
CA ALA A 279 1.69 -5.77 16.89
C ALA A 279 2.23 -6.99 16.12
N CYS A 280 1.95 -7.07 14.82
CA CYS A 280 2.50 -8.14 13.99
C CYS A 280 3.73 -7.68 13.21
N LYS A 281 4.34 -6.57 13.64
CA LYS A 281 5.55 -6.05 12.97
C LYS A 281 6.66 -7.10 12.98
N LYS A 282 7.52 -7.09 11.97
CA LYS A 282 8.56 -8.11 11.85
C LYS A 282 10.01 -7.72 12.21
N SER A 283 10.18 -6.82 13.19
CA SER A 283 11.49 -6.64 13.84
C SER A 283 11.40 -6.53 15.39
#